data_7KWR
#
_entry.id   7KWR
#
_entity_poly.entity_id   1
_entity_poly.type   'polydeoxyribonucleotide'
_entity_poly.pdbx_seq_one_letter_code
;(DCZ)(DG)(DC)(DG)(EDA)(DA)(DT)(DT)(DC)(DG)(DC)(DG)
;
_entity_poly.pdbx_strand_id   A,B
#